data_7T0F
#
_entry.id   7T0F
#
_cell.length_a   52.111
_cell.length_b   63.624
_cell.length_c   61.636
_cell.angle_alpha   90.000
_cell.angle_beta   97.400
_cell.angle_gamma   90.000
#
_symmetry.space_group_name_H-M   'P 1 21 1'
#
loop_
_entity.id
_entity.type
_entity.pdbx_description
1 polymer 'S25-39 Fab heavy chain'
2 polymer 'S25-39 Fab light chain'
3 non-polymer '3-deoxy-4-O-methyl-alpha-D-manno-oct-2-ulopyranosonic acid'
4 water water
#
loop_
_entity_poly.entity_id
_entity_poly.type
_entity_poly.pdbx_seq_one_letter_code
_entity_poly.pdbx_strand_id
1 'polypeptide(L)'
;EVKLVESGGGLVQPGGSLRLACATSGFTFTDYYMSWVRQPPGKALEWLGFIRNKAKGYTTEYSASVKGRFTISRDNSQSS
LYLQMNTLRAEDSATYYCARDHDGYYERFAYWGQGTLVTVSAAKTTPPSVYPLAPGSAAQTNSMVTLGCLVKGYFPEPVT
VTWNSGSLSSGVHTFPAVLQSDLYTLSSSVTVPSSTWPSETVTCNVAHPASSTKVDKKIVPR
;
H
2 'polypeptide(L)'
;DIVMTQSPSSLAVSAGEKVTMNCKSSQSLLNSRTRKNYLAWYQQKPGQSPKLLIYWASTRESGVPDRFTGSGSGTDFALT
ISSVQAEDLAVYYCKQSYNLRTFGGGTKLEIKRADAAPTVSIFPPSSEQLTSGGASVVCFLNNFYPKDINVKWKIDGSER
QNGVLNSWTDQDSKDSTYSMSSTLTLTKDEYERHNSYTCEATHKTSTSPIVKSFNRNEC
;
L
#
# COMPACT_ATOMS: atom_id res chain seq x y z
N GLU A 1 -8.78 -20.19 -16.60
CA GLU A 1 -8.26 -19.04 -15.81
C GLU A 1 -9.30 -17.94 -15.70
N VAL A 2 -9.76 -17.73 -14.48
CA VAL A 2 -10.67 -16.65 -14.18
C VAL A 2 -9.89 -15.35 -14.23
N LYS A 3 -10.53 -14.30 -14.72
CA LYS A 3 -9.96 -12.97 -14.64
C LYS A 3 -11.04 -11.95 -14.40
N LEU A 4 -10.70 -10.94 -13.59
CA LEU A 4 -11.56 -9.79 -13.37
C LEU A 4 -10.71 -8.54 -13.48
N VAL A 5 -11.18 -7.56 -14.24
CA VAL A 5 -10.41 -6.34 -14.48
C VAL A 5 -11.29 -5.13 -14.27
N GLU A 6 -10.95 -4.33 -13.27
CA GLU A 6 -11.68 -3.14 -12.93
C GLU A 6 -11.22 -2.00 -13.82
N SER A 7 -12.12 -1.10 -14.18
CA SER A 7 -11.72 0.09 -14.93
C SER A 7 -12.67 1.22 -14.59
N GLY A 8 -12.29 2.45 -14.93
CA GLY A 8 -13.16 3.62 -14.70
C GLY A 8 -12.69 4.56 -13.63
N GLY A 9 -11.65 4.15 -12.91
CA GLY A 9 -11.11 4.93 -11.81
C GLY A 9 -10.38 6.17 -12.25
N GLY A 10 -10.27 7.13 -11.36
CA GLY A 10 -9.49 8.30 -11.64
C GLY A 10 -9.75 9.36 -10.60
N LEU A 11 -9.38 10.57 -10.95
CA LEU A 11 -9.58 11.72 -10.12
C LEU A 11 -10.97 12.28 -10.43
N VAL A 12 -11.77 12.46 -9.38
CA VAL A 12 -13.11 12.99 -9.53
C VAL A 12 -13.42 14.00 -8.44
N GLN A 13 -14.13 15.06 -8.81
CA GLN A 13 -14.50 16.11 -7.89
C GLN A 13 -15.44 15.66 -6.82
N PRO A 14 -15.25 16.13 -5.60
CA PRO A 14 -16.25 15.87 -4.59
C PRO A 14 -17.63 16.29 -5.12
N GLY A 15 -18.65 15.53 -4.74
CA GLY A 15 -20.01 15.73 -5.25
C GLY A 15 -20.27 15.06 -6.59
N GLY A 16 -19.22 14.55 -7.22
CA GLY A 16 -19.34 13.93 -8.54
C GLY A 16 -19.93 12.53 -8.55
N SER A 17 -20.04 12.01 -9.77
CA SER A 17 -20.52 10.67 -10.04
C SER A 17 -19.42 9.92 -10.77
N LEU A 18 -19.42 8.61 -10.65
CA LEU A 18 -18.44 7.83 -11.35
C LEU A 18 -19.00 6.42 -11.55
N ARG A 19 -18.88 5.92 -12.77
CA ARG A 19 -19.21 4.54 -13.08
C ARG A 19 -17.94 3.69 -13.22
N LEU A 20 -17.82 2.68 -12.37
CA LEU A 20 -16.75 1.69 -12.48
C LEU A 20 -17.26 0.46 -13.22
N ALA A 21 -16.36 -0.23 -13.90
CA ALA A 21 -16.69 -1.45 -14.64
C ALA A 21 -15.75 -2.53 -14.18
N CYS A 22 -16.23 -3.76 -14.25
CA CYS A 22 -15.43 -4.93 -13.92
C CYS A 22 -15.71 -5.94 -15.02
N ALA A 23 -14.71 -6.17 -15.87
CA ALA A 23 -14.88 -7.14 -16.95
C ALA A 23 -14.36 -8.48 -16.46
N THR A 24 -15.17 -9.51 -16.64
CA THR A 24 -14.92 -10.83 -16.08
C THR A 24 -14.82 -11.86 -17.19
N SER A 25 -14.10 -12.93 -16.92
CA SER A 25 -13.94 -14.02 -17.87
C SER A 25 -13.40 -15.24 -17.18
N GLY A 26 -13.68 -16.40 -17.78
CA GLY A 26 -13.14 -17.65 -17.31
C GLY A 26 -14.14 -18.47 -16.55
N PHE A 27 -15.39 -18.02 -16.48
CA PHE A 27 -16.39 -18.70 -15.68
C PHE A 27 -17.81 -18.37 -16.12
N THR A 28 -18.75 -19.19 -15.65
CA THR A 28 -20.13 -19.02 -15.97
C THR A 28 -20.70 -17.87 -15.11
N PHE A 29 -20.60 -16.67 -15.66
CA PHE A 29 -20.92 -15.40 -14.98
C PHE A 29 -22.24 -15.39 -14.20
N THR A 30 -23.32 -15.85 -14.83
CA THR A 30 -24.65 -15.79 -14.20
C THR A 30 -24.81 -16.73 -13.03
N ASP A 31 -23.92 -17.74 -12.91
CA ASP A 31 -23.88 -18.62 -11.73
C ASP A 31 -23.51 -17.92 -10.42
N TYR A 32 -22.95 -16.72 -10.51
CA TYR A 32 -22.26 -16.12 -9.40
C TYR A 32 -22.83 -14.77 -8.97
N TYR A 33 -22.97 -14.65 -7.65
CA TYR A 33 -23.01 -13.35 -7.00
C TYR A 33 -21.69 -12.64 -7.31
N MET A 34 -21.71 -11.32 -7.33
CA MET A 34 -20.53 -10.51 -7.60
C MET A 34 -20.52 -9.35 -6.61
N SER A 35 -19.41 -9.13 -5.92
CA SER A 35 -19.29 -8.02 -5.00
C SER A 35 -18.33 -6.92 -5.43
N TRP A 36 -18.56 -5.74 -4.86
CA TRP A 36 -17.58 -4.68 -4.85
C TRP A 36 -17.08 -4.48 -3.41
N VAL A 37 -15.78 -4.24 -3.32
CA VAL A 37 -15.08 -4.03 -2.08
C VAL A 37 -14.11 -2.88 -2.34
N ARG A 38 -13.96 -2.01 -1.36
CA ARG A 38 -12.96 -0.94 -1.50
C ARG A 38 -11.96 -0.87 -0.36
N GLN A 39 -10.88 -0.18 -0.64
CA GLN A 39 -9.80 -0.01 0.31
C GLN A 39 -9.21 1.37 0.16
N PRO A 40 -9.44 2.22 1.15
CA PRO A 40 -8.67 3.45 1.20
C PRO A 40 -7.18 3.14 1.36
N PRO A 41 -6.29 3.97 0.79
CA PRO A 41 -4.86 3.65 0.81
C PRO A 41 -4.37 3.45 2.25
N GLY A 42 -3.63 2.39 2.48
CA GLY A 42 -3.13 2.05 3.82
C GLY A 42 -4.19 1.72 4.87
N LYS A 43 -5.42 1.42 4.46
CA LYS A 43 -6.47 1.11 5.41
C LYS A 43 -7.15 -0.21 5.06
N ALA A 44 -8.24 -0.54 5.75
CA ALA A 44 -8.87 -1.85 5.67
C ALA A 44 -9.77 -2.03 4.46
N LEU A 45 -10.03 -3.28 4.13
CA LEU A 45 -11.06 -3.61 3.14
C LEU A 45 -12.44 -3.30 3.69
N GLU A 46 -13.33 -2.83 2.80
CA GLU A 46 -14.72 -2.57 3.16
C GLU A 46 -15.61 -3.10 2.06
N TRP A 47 -16.50 -4.04 2.40
CA TRP A 47 -17.48 -4.59 1.46
C TRP A 47 -18.55 -3.53 1.20
N LEU A 48 -18.87 -3.30 -0.08
CA LEU A 48 -19.84 -2.27 -0.45
C LEU A 48 -21.18 -2.85 -0.83
N GLY A 49 -21.16 -3.96 -1.55
CA GLY A 49 -22.41 -4.57 -1.94
C GLY A 49 -22.18 -5.75 -2.84
N PHE A 50 -23.25 -6.44 -3.15
CA PHE A 50 -23.25 -7.52 -4.14
C PHE A 50 -24.49 -7.47 -5.00
N ILE A 51 -24.38 -8.13 -6.14
CA ILE A 51 -25.51 -8.47 -6.98
C ILE A 51 -25.58 -9.98 -7.07
N ARG A 52 -26.77 -10.53 -6.87
CA ARG A 52 -26.95 -11.97 -6.82
C ARG A 52 -26.95 -12.62 -8.21
N ASN A 53 -26.82 -13.95 -8.21
CA ASN A 53 -26.84 -14.76 -9.43
C ASN A 53 -28.23 -14.94 -10.07
N LYS A 54 -28.23 -15.65 -11.21
CA LYS A 54 -29.42 -15.92 -11.98
C LYS A 54 -30.49 -16.46 -11.10
N ALA A 55 -30.17 -17.54 -10.40
CA ALA A 55 -31.08 -18.19 -9.48
C ALA A 55 -31.81 -17.28 -8.49
N LYS A 56 -31.13 -16.28 -7.95
CA LYS A 56 -31.72 -15.33 -7.03
C LYS A 56 -32.29 -14.07 -7.69
N GLY A 57 -32.51 -14.12 -8.99
CA GLY A 57 -33.09 -12.98 -9.68
C GLY A 57 -32.27 -11.71 -9.77
N TYR A 58 -30.96 -11.85 -9.71
CA TYR A 58 -30.04 -10.72 -9.82
C TYR A 58 -30.28 -9.56 -8.87
N THR A 59 -30.90 -9.79 -7.72
CA THR A 59 -31.13 -8.71 -6.77
C THR A 59 -29.86 -8.25 -6.09
N THR A 60 -29.94 -7.09 -5.45
CA THR A 60 -28.75 -6.41 -4.92
C THR A 60 -28.88 -6.16 -3.42
N GLU A 61 -27.73 -6.03 -2.76
CA GLU A 61 -27.66 -5.57 -1.37
C GLU A 61 -26.43 -4.69 -1.26
N TYR A 62 -26.48 -3.83 -0.26
CA TYR A 62 -25.47 -2.82 -0.03
C TYR A 62 -25.15 -2.72 1.45
N SER A 63 -23.91 -2.30 1.75
CA SER A 63 -23.51 -1.97 3.11
C SER A 63 -24.12 -0.64 3.50
N ALA A 64 -24.38 -0.49 4.79
CA ALA A 64 -24.95 0.75 5.35
C ALA A 64 -24.18 1.99 4.87
N SER A 65 -22.85 1.91 4.84
CA SER A 65 -22.02 3.03 4.46
C SER A 65 -22.32 3.56 3.05
N VAL A 66 -22.87 2.73 2.17
CA VAL A 66 -23.18 3.20 0.82
C VAL A 66 -24.59 2.93 0.30
N LYS A 67 -25.42 2.23 1.09
CA LYS A 67 -26.79 1.98 0.69
C LYS A 67 -27.47 3.33 0.42
N GLY A 68 -28.15 3.43 -0.72
CA GLY A 68 -28.84 4.66 -1.12
C GLY A 68 -28.08 5.57 -2.07
N ARG A 69 -26.76 5.37 -2.13
CA ARG A 69 -25.84 6.27 -2.85
C ARG A 69 -25.10 5.56 -3.99
N PHE A 70 -24.85 4.26 -3.84
CA PHE A 70 -24.17 3.45 -4.85
C PHE A 70 -25.15 2.40 -5.39
N THR A 71 -25.08 2.13 -6.69
CA THR A 71 -25.91 1.14 -7.35
C THR A 71 -25.04 0.19 -8.12
N ILE A 72 -25.26 -1.12 -7.90
CA ILE A 72 -24.53 -2.15 -8.62
C ILE A 72 -25.45 -2.74 -9.70
N SER A 73 -24.90 -2.98 -10.89
CA SER A 73 -25.65 -3.66 -11.94
C SER A 73 -24.70 -4.60 -12.68
N ARG A 74 -25.25 -5.51 -13.48
CA ARG A 74 -24.45 -6.45 -14.26
C ARG A 74 -25.02 -6.54 -15.66
N ASP A 75 -24.16 -6.71 -16.64
CA ASP A 75 -24.56 -6.99 -18.01
C ASP A 75 -24.09 -8.41 -18.33
N ASN A 76 -25.02 -9.34 -18.26
CA ASN A 76 -24.72 -10.72 -18.49
C ASN A 76 -24.11 -10.99 -19.87
N SER A 77 -24.66 -10.37 -20.92
CA SER A 77 -24.11 -10.51 -22.29
C SER A 77 -22.61 -10.19 -22.38
N GLN A 78 -22.17 -9.18 -21.63
CA GLN A 78 -20.79 -8.74 -21.64
C GLN A 78 -19.93 -9.42 -20.56
N SER A 79 -20.53 -10.24 -19.70
CA SER A 79 -19.86 -10.80 -18.51
C SER A 79 -19.31 -9.70 -17.64
N SER A 80 -20.07 -8.61 -17.51
CA SER A 80 -19.59 -7.36 -16.92
C SER A 80 -20.44 -6.98 -15.73
N LEU A 81 -19.78 -6.37 -14.79
CA LEU A 81 -20.36 -5.87 -13.56
C LEU A 81 -20.05 -4.38 -13.48
N TYR A 82 -20.95 -3.60 -12.87
CA TYR A 82 -20.75 -2.16 -12.75
C TYR A 82 -21.06 -1.66 -11.35
N LEU A 83 -20.39 -0.56 -10.96
CA LEU A 83 -20.73 0.19 -9.77
C LEU A 83 -20.97 1.66 -10.12
N GLN A 84 -22.16 2.16 -9.85
CA GLN A 84 -22.48 3.59 -10.06
C GLN A 84 -22.39 4.27 -8.73
N MET A 85 -21.46 5.20 -8.59
CA MET A 85 -21.27 5.91 -7.33
C MET A 85 -21.74 7.33 -7.49
N ASN A 86 -22.55 7.78 -6.54
CA ASN A 86 -23.05 9.15 -6.54
C ASN A 86 -22.61 9.92 -5.33
N THR A 87 -22.62 11.25 -5.45
CA THR A 87 -22.32 12.17 -4.38
C THR A 87 -21.02 11.73 -3.70
N LEU A 88 -19.95 11.66 -4.49
CA LEU A 88 -18.70 11.11 -4.00
C LEU A 88 -18.04 12.11 -3.05
N ARG A 89 -17.55 11.60 -1.93
CA ARG A 89 -16.84 12.42 -0.95
C ARG A 89 -15.41 11.95 -0.84
N ALA A 90 -14.59 12.72 -0.12
CA ALA A 90 -13.17 12.42 0.05
C ALA A 90 -12.92 10.99 0.57
N GLU A 91 -13.71 10.57 1.56
CA GLU A 91 -13.57 9.23 2.16
C GLU A 91 -14.02 8.08 1.25
N ASP A 92 -14.58 8.42 0.10
CA ASP A 92 -14.78 7.42 -0.95
C ASP A 92 -13.51 7.17 -1.76
N SER A 93 -12.47 7.92 -1.45
CA SER A 93 -11.21 7.73 -2.10
C SER A 93 -10.67 6.34 -1.68
N ALA A 94 -10.37 5.51 -2.67
CA ALA A 94 -9.97 4.14 -2.42
C ALA A 94 -9.69 3.40 -3.71
N THR A 95 -8.96 2.29 -3.58
CA THR A 95 -8.93 1.27 -4.60
C THR A 95 -10.24 0.49 -4.55
N TYR A 96 -10.91 0.37 -5.70
CA TYR A 96 -12.15 -0.40 -5.80
C TYR A 96 -11.92 -1.74 -6.49
N TYR A 97 -12.21 -2.81 -5.76
CA TYR A 97 -12.09 -4.16 -6.27
C TYR A 97 -13.43 -4.75 -6.62
N CYS A 98 -13.48 -5.51 -7.70
CA CYS A 98 -14.55 -6.48 -7.86
C CYS A 98 -14.04 -7.88 -7.55
N ALA A 99 -14.97 -8.72 -7.09
CA ALA A 99 -14.70 -10.07 -6.67
C ALA A 99 -15.84 -10.97 -7.06
N ARG A 100 -15.48 -12.19 -7.45
CA ARG A 100 -16.46 -13.23 -7.63
C ARG A 100 -16.89 -13.74 -6.25
N ASP A 101 -18.19 -13.79 -6.05
CA ASP A 101 -18.76 -14.06 -4.75
C ASP A 101 -19.48 -15.41 -4.92
N HIS A 102 -20.44 -15.66 -4.03
CA HIS A 102 -21.21 -16.91 -3.84
C HIS A 102 -21.79 -17.53 -5.13
N ASP A 103 -22.01 -18.85 -5.12
CA ASP A 103 -22.66 -19.55 -6.26
C ASP A 103 -23.95 -20.27 -5.90
N GLY A 104 -24.42 -20.02 -4.69
CA GLY A 104 -25.49 -20.84 -4.10
C GLY A 104 -24.95 -21.91 -3.17
N TYR A 105 -23.62 -22.15 -3.19
CA TYR A 105 -23.00 -23.14 -2.31
C TYR A 105 -21.74 -22.68 -1.55
N TYR A 106 -20.75 -22.09 -2.22
CA TYR A 106 -19.34 -22.02 -1.72
C TYR A 106 -18.84 -20.89 -0.78
N GLU A 107 -19.75 -20.13 -0.14
CA GLU A 107 -19.39 -19.00 0.77
C GLU A 107 -17.95 -18.47 0.64
N ARG A 108 -17.66 -17.73 -0.44
CA ARG A 108 -16.30 -17.22 -0.65
C ARG A 108 -16.19 -16.20 -1.78
N PHE A 109 -15.16 -15.35 -1.70
CA PHE A 109 -14.65 -14.55 -2.83
C PHE A 109 -13.35 -15.18 -3.32
N ALA A 110 -13.42 -16.12 -4.25
CA ALA A 110 -12.18 -16.78 -4.73
C ALA A 110 -11.33 -15.79 -5.52
N TYR A 111 -11.96 -15.06 -6.43
CA TYR A 111 -11.25 -14.22 -7.38
C TYR A 111 -11.55 -12.75 -7.21
N TRP A 112 -10.49 -11.95 -7.29
CA TRP A 112 -10.49 -10.50 -7.13
C TRP A 112 -9.72 -9.89 -8.29
N GLY A 113 -10.15 -8.72 -8.75
CA GLY A 113 -9.40 -8.02 -9.81
C GLY A 113 -8.16 -7.35 -9.24
N GLN A 114 -7.42 -6.60 -10.06
CA GLN A 114 -6.26 -5.84 -9.57
C GLN A 114 -6.65 -4.50 -8.91
N GLY A 115 -7.90 -4.11 -9.06
CA GLY A 115 -8.34 -2.86 -8.47
C GLY A 115 -8.31 -1.68 -9.44
N THR A 116 -9.14 -0.69 -9.15
CA THR A 116 -9.10 0.58 -9.86
C THR A 116 -9.10 1.73 -8.84
N LEU A 117 -8.10 2.59 -8.93
CA LEU A 117 -7.93 3.66 -7.98
C LEU A 117 -8.84 4.84 -8.25
N VAL A 118 -9.57 5.22 -7.23
CA VAL A 118 -10.42 6.38 -7.28
C VAL A 118 -9.94 7.41 -6.28
N THR A 119 -9.79 8.64 -6.73
CA THR A 119 -9.44 9.75 -5.84
C THR A 119 -10.51 10.78 -5.99
N VAL A 120 -11.07 11.18 -4.86
CA VAL A 120 -12.11 12.18 -4.82
C VAL A 120 -11.53 13.41 -4.14
N SER A 121 -11.16 14.40 -4.96
CA SER A 121 -10.57 15.64 -4.46
C SER A 121 -10.79 16.74 -5.49
N ALA A 122 -10.79 17.99 -5.04
CA ALA A 122 -10.84 19.14 -5.94
C ALA A 122 -9.44 19.62 -6.29
N ALA A 123 -8.44 18.99 -5.70
CA ALA A 123 -7.06 19.32 -5.96
C ALA A 123 -6.74 19.02 -7.41
N LYS A 124 -5.89 19.85 -8.02
CA LYS A 124 -5.62 19.78 -9.46
C LYS A 124 -4.53 18.78 -9.80
N THR A 125 -4.73 18.06 -10.90
CA THR A 125 -3.69 17.26 -11.53
C THR A 125 -2.46 18.10 -11.86
N THR A 126 -1.30 17.65 -11.37
CA THR A 126 -0.03 18.34 -11.52
C THR A 126 1.08 17.30 -11.71
N PRO A 127 1.90 17.46 -12.77
CA PRO A 127 3.05 16.58 -12.95
C PRO A 127 4.16 16.86 -11.95
N PRO A 128 4.97 15.85 -11.65
CA PRO A 128 6.12 15.95 -10.76
C PRO A 128 7.36 16.64 -11.34
N SER A 129 8.13 17.26 -10.45
CA SER A 129 9.49 17.58 -10.72
C SER A 129 10.31 16.40 -10.27
N VAL A 130 11.35 16.07 -11.04
CA VAL A 130 12.18 14.96 -10.71
C VAL A 130 13.63 15.43 -10.59
N TYR A 131 14.22 15.16 -9.43
CA TYR A 131 15.52 15.66 -9.06
C TYR A 131 16.41 14.51 -8.69
N PRO A 132 17.67 14.57 -9.14
CA PRO A 132 18.59 13.50 -8.79
C PRO A 132 19.16 13.75 -7.43
N LEU A 133 19.49 12.65 -6.77
CA LEU A 133 20.14 12.69 -5.49
C LEU A 133 21.44 11.91 -5.70
N ALA A 134 22.56 12.62 -5.75
CA ALA A 134 23.89 12.01 -5.91
C ALA A 134 24.78 12.28 -4.68
N PRO A 135 25.60 11.28 -4.29
CA PRO A 135 26.57 11.39 -3.18
C PRO A 135 27.41 12.65 -3.22
N SER A 143 33.20 0.01 -1.78
CA SER A 143 32.17 -0.45 -0.86
C SER A 143 30.79 -0.41 -1.52
N MET A 144 29.82 0.29 -0.91
CA MET A 144 28.47 0.38 -1.45
C MET A 144 28.04 1.85 -1.55
N VAL A 145 27.34 2.22 -2.62
CA VAL A 145 26.89 3.62 -2.79
C VAL A 145 25.39 3.76 -3.07
N THR A 146 24.77 4.73 -2.41
CA THR A 146 23.34 4.96 -2.49
C THR A 146 23.04 6.25 -3.25
N LEU A 147 22.17 6.16 -4.23
CA LEU A 147 21.71 7.32 -4.97
C LEU A 147 20.23 7.39 -4.73
N GLY A 148 19.60 8.42 -5.26
CA GLY A 148 18.17 8.45 -5.29
C GLY A 148 17.61 9.46 -6.26
N CYS A 149 16.28 9.47 -6.31
CA CYS A 149 15.51 10.44 -7.03
C CYS A 149 14.42 10.98 -6.11
N LEU A 150 14.21 12.28 -6.19
CA LEU A 150 13.17 12.96 -5.45
C LEU A 150 12.10 13.33 -6.47
N VAL A 151 10.88 12.93 -6.18
CA VAL A 151 9.74 13.09 -7.09
C VAL A 151 8.74 13.96 -6.36
N LYS A 152 8.86 15.26 -6.60
CA LYS A 152 8.19 16.26 -5.81
C LYS A 152 7.06 16.97 -6.54
N GLY A 153 5.94 17.13 -5.85
CA GLY A 153 4.92 18.10 -6.24
C GLY A 153 3.94 17.62 -7.30
N TYR A 154 3.44 16.40 -7.16
CA TYR A 154 2.53 15.81 -8.14
C TYR A 154 1.15 15.49 -7.54
N PHE A 155 0.18 15.34 -8.42
CA PHE A 155 -1.18 14.97 -8.04
C PHE A 155 -1.94 14.47 -9.27
N PRO A 156 -2.76 13.42 -9.16
CA PRO A 156 -2.98 12.60 -7.94
C PRO A 156 -1.99 11.44 -7.90
N GLU A 157 -2.15 10.50 -6.96
CA GLU A 157 -1.39 9.25 -7.02
C GLU A 157 -1.94 8.49 -8.25
N PRO A 158 -1.20 7.58 -8.88
CA PRO A 158 0.14 7.15 -8.50
C PRO A 158 1.23 7.65 -9.43
N VAL A 159 2.47 7.40 -9.02
CA VAL A 159 3.61 7.44 -9.90
C VAL A 159 4.31 6.10 -9.84
N THR A 160 5.02 5.75 -10.90
CA THR A 160 5.82 4.55 -10.89
C THR A 160 7.23 5.00 -11.14
N VAL A 161 8.11 4.63 -10.24
CA VAL A 161 9.50 4.95 -10.38
C VAL A 161 10.20 3.65 -10.65
N THR A 162 11.06 3.65 -11.66
CA THR A 162 11.99 2.56 -11.88
C THR A 162 13.40 3.08 -11.99
N TRP A 163 14.34 2.16 -11.97
CA TRP A 163 15.73 2.45 -12.16
C TRP A 163 16.23 1.66 -13.39
N ASN A 164 16.65 2.41 -14.41
CA ASN A 164 17.12 1.87 -15.67
C ASN A 164 15.96 1.09 -16.34
N SER A 165 14.86 1.82 -16.47
CA SER A 165 13.56 1.31 -16.96
C SER A 165 13.14 -0.05 -16.37
N GLY A 166 13.64 -0.38 -15.19
CA GLY A 166 13.29 -1.65 -14.52
C GLY A 166 14.45 -2.62 -14.36
N SER A 167 15.52 -2.39 -15.10
CA SER A 167 16.66 -3.30 -15.12
C SER A 167 17.41 -3.30 -13.80
N LEU A 168 17.30 -2.21 -13.03
CA LEU A 168 17.80 -2.20 -11.65
C LEU A 168 16.60 -2.37 -10.76
N SER A 169 16.62 -3.43 -9.94
CA SER A 169 15.46 -3.86 -9.16
C SER A 169 15.81 -4.32 -7.74
N SER A 170 17.06 -4.76 -7.51
CA SER A 170 17.53 -5.01 -6.14
C SER A 170 18.16 -3.74 -5.53
N GLY A 171 18.15 -3.65 -4.20
CA GLY A 171 18.70 -2.51 -3.50
C GLY A 171 17.88 -1.24 -3.64
N VAL A 172 16.65 -1.37 -4.15
CA VAL A 172 15.75 -0.25 -4.34
C VAL A 172 14.77 -0.14 -3.14
N HIS A 173 14.54 1.10 -2.72
CA HIS A 173 13.49 1.44 -1.75
C HIS A 173 12.73 2.63 -2.31
N THR A 174 11.50 2.43 -2.77
CA THR A 174 10.64 3.55 -3.16
C THR A 174 9.68 3.81 -2.02
N PHE A 175 9.72 5.01 -1.47
CA PHE A 175 8.96 5.32 -0.27
C PHE A 175 7.56 5.77 -0.64
N PRO A 176 6.57 5.42 0.21
CA PRO A 176 5.23 5.92 0.01
C PRO A 176 5.22 7.42 -0.05
N ALA A 177 4.48 7.97 -1.00
CA ALA A 177 4.30 9.40 -1.10
C ALA A 177 3.66 9.98 0.14
N VAL A 178 3.93 11.26 0.38
CA VAL A 178 3.25 11.99 1.44
C VAL A 178 2.62 13.21 0.81
N LEU A 179 1.41 13.53 1.28
CA LEU A 179 0.59 14.61 0.73
C LEU A 179 0.79 15.85 1.60
N GLN A 180 1.03 16.99 0.97
CA GLN A 180 1.05 18.26 1.68
C GLN A 180 0.57 19.36 0.76
N SER A 181 -0.41 20.13 1.22
CA SER A 181 -0.99 21.24 0.45
C SER A 181 -1.33 20.79 -0.96
N ASP A 182 -2.01 19.65 -1.04
CA ASP A 182 -2.52 19.07 -2.29
C ASP A 182 -1.46 18.55 -3.28
N LEU A 183 -0.24 18.33 -2.79
CA LEU A 183 0.79 17.75 -3.62
C LEU A 183 1.48 16.60 -2.91
N TYR A 184 1.68 15.52 -3.66
CA TYR A 184 2.45 14.41 -3.18
C TYR A 184 3.91 14.64 -3.49
N THR A 185 4.75 14.13 -2.60
CA THR A 185 6.15 14.00 -2.81
C THR A 185 6.55 12.64 -2.29
N LEU A 186 7.43 12.00 -3.04
CA LEU A 186 8.14 10.79 -2.61
C LEU A 186 9.56 10.81 -3.16
N SER A 187 10.41 9.98 -2.58
CA SER A 187 11.75 9.74 -3.07
C SER A 187 11.95 8.23 -3.25
N SER A 188 12.95 7.87 -4.04
CA SER A 188 13.34 6.48 -4.20
C SER A 188 14.84 6.44 -4.06
N SER A 189 15.35 5.39 -3.44
CA SER A 189 16.77 5.20 -3.36
C SER A 189 17.18 3.86 -4.00
N VAL A 190 18.40 3.83 -4.49
CA VAL A 190 18.98 2.61 -5.03
C VAL A 190 20.40 2.49 -4.50
N THR A 191 20.74 1.31 -4.03
CA THR A 191 22.07 1.08 -3.51
C THR A 191 22.76 0.12 -4.48
N VAL A 192 23.99 0.45 -4.87
CA VAL A 192 24.71 -0.31 -5.89
C VAL A 192 26.18 -0.42 -5.54
N PRO A 193 26.90 -1.35 -6.20
CA PRO A 193 28.35 -1.41 -5.95
C PRO A 193 29.06 -0.13 -6.43
N SER A 194 30.00 0.37 -5.64
CA SER A 194 30.85 1.49 -6.03
C SER A 194 31.54 1.19 -7.35
N SER A 195 32.02 -0.03 -7.49
CA SER A 195 32.68 -0.48 -8.72
C SER A 195 31.71 -0.62 -9.91
N THR A 196 30.51 -0.06 -9.81
CA THR A 196 29.58 0.03 -10.92
C THR A 196 28.92 1.40 -11.11
N TRP A 197 29.18 2.33 -10.19
CA TRP A 197 28.81 3.73 -10.39
C TRP A 197 29.92 4.55 -9.76
N PRO A 198 30.32 5.67 -10.37
CA PRO A 198 29.72 6.21 -11.60
C PRO A 198 30.33 5.69 -12.90
N SER A 199 30.90 4.48 -12.91
CA SER A 199 31.45 3.87 -14.13
C SER A 199 30.39 3.47 -15.16
N GLU A 200 29.17 3.21 -14.67
CA GLU A 200 27.99 2.90 -15.50
C GLU A 200 26.99 4.00 -15.24
N THR A 201 26.05 4.24 -16.16
CA THR A 201 25.05 5.29 -15.94
C THR A 201 23.90 4.79 -15.07
N VAL A 202 23.25 5.70 -14.36
CA VAL A 202 22.05 5.37 -13.56
C VAL A 202 20.98 6.44 -13.76
N THR A 203 19.79 5.99 -14.09
CA THR A 203 18.72 6.87 -14.49
C THR A 203 17.48 6.35 -13.79
N CYS A 204 16.75 7.24 -13.14
CA CYS A 204 15.48 6.84 -12.59
C CYS A 204 14.46 7.34 -13.59
N ASN A 205 13.43 6.55 -13.78
CA ASN A 205 12.37 6.87 -14.71
C ASN A 205 11.13 7.03 -13.88
N VAL A 206 10.44 8.12 -14.06
CA VAL A 206 9.28 8.38 -13.31
C VAL A 206 8.18 8.52 -14.31
N ALA A 207 7.12 7.76 -14.09
CA ALA A 207 5.93 7.89 -14.88
C ALA A 207 4.86 8.41 -13.96
N HIS A 208 4.04 9.32 -14.45
CA HIS A 208 2.90 9.84 -13.74
C HIS A 208 1.86 9.82 -14.84
N PRO A 209 1.08 8.74 -14.91
CA PRO A 209 0.10 8.58 -15.97
C PRO A 209 -0.88 9.74 -16.05
N ALA A 210 -1.49 10.08 -14.91
CA ALA A 210 -2.52 11.11 -14.82
C ALA A 210 -2.19 12.43 -15.56
N SER A 211 -0.92 12.68 -15.83
CA SER A 211 -0.50 13.90 -16.50
C SER A 211 0.36 13.62 -17.74
N SER A 212 0.29 12.39 -18.26
CA SER A 212 1.12 11.95 -19.39
C SER A 212 2.61 12.24 -19.21
N THR A 213 3.10 12.06 -18.00
CA THR A 213 4.47 12.43 -17.70
C THR A 213 5.35 11.19 -17.68
N LYS A 214 6.37 11.19 -18.52
CA LYS A 214 7.46 10.23 -18.38
C LYS A 214 8.76 11.00 -18.43
N VAL A 215 9.51 10.88 -17.34
CA VAL A 215 10.76 11.59 -17.15
C VAL A 215 11.85 10.57 -16.90
N ASP A 216 12.98 10.78 -17.54
CA ASP A 216 14.20 10.12 -17.18
C ASP A 216 15.07 11.22 -16.61
N LYS A 217 15.85 10.89 -15.60
CA LYS A 217 16.79 11.84 -15.01
C LYS A 217 18.04 11.07 -14.64
N LYS A 218 19.13 11.35 -15.34
CA LYS A 218 20.38 10.64 -15.11
C LYS A 218 20.98 11.11 -13.79
N ILE A 219 21.50 10.18 -13.00
CA ILE A 219 22.20 10.54 -11.76
C ILE A 219 23.66 10.82 -12.11
N VAL A 220 24.02 12.10 -12.19
CA VAL A 220 25.39 12.54 -12.55
C VAL A 220 26.21 12.88 -11.29
N PRO A 221 27.45 12.38 -11.18
CA PRO A 221 28.23 12.48 -9.91
C PRO A 221 28.56 13.88 -9.38
N ILE B 2 -23.41 -6.56 10.95
CA ILE B 2 -22.44 -7.33 11.79
C ILE B 2 -21.07 -6.69 11.80
N VAL B 3 -20.50 -6.58 12.99
CA VAL B 3 -19.20 -5.95 13.15
C VAL B 3 -18.16 -7.02 13.40
N MET B 4 -17.03 -6.88 12.72
CA MET B 4 -15.89 -7.80 12.83
C MET B 4 -14.73 -7.04 13.39
N THR B 5 -14.03 -7.65 14.33
CA THR B 5 -12.88 -7.01 14.94
C THR B 5 -11.74 -8.00 15.04
N GLN B 6 -10.55 -7.56 14.66
CA GLN B 6 -9.41 -8.44 14.69
C GLN B 6 -8.39 -7.95 15.66
N SER B 7 -7.70 -8.89 16.29
CA SER B 7 -6.63 -8.56 17.21
C SER B 7 -5.49 -9.57 17.09
N PRO B 8 -4.27 -9.16 17.43
CA PRO B 8 -3.93 -7.75 17.58
C PRO B 8 -3.89 -7.10 16.19
N SER B 9 -3.70 -5.78 16.11
CA SER B 9 -3.68 -5.07 14.81
C SER B 9 -2.40 -5.38 14.03
N SER B 10 -1.32 -5.67 14.76
CA SER B 10 -0.14 -6.24 14.14
C SER B 10 0.62 -7.09 15.13
N LEU B 11 1.53 -7.90 14.61
CA LEU B 11 2.44 -8.65 15.44
C LEU B 11 3.58 -9.18 14.58
N ALA B 12 4.66 -9.58 15.26
CA ALA B 12 5.92 -9.94 14.66
C ALA B 12 6.27 -11.36 15.04
N VAL B 13 6.61 -12.16 14.05
CA VAL B 13 6.93 -13.56 14.28
C VAL B 13 8.20 -13.89 13.52
N SER B 14 9.08 -14.68 14.12
CA SER B 14 10.31 -15.09 13.44
C SER B 14 10.07 -16.20 12.42
N ALA B 15 11.00 -16.31 11.48
CA ALA B 15 10.91 -17.25 10.37
C ALA B 15 10.93 -18.67 10.89
N GLY B 16 10.06 -19.51 10.36
CA GLY B 16 9.92 -20.86 10.85
C GLY B 16 9.06 -21.01 12.10
N GLU B 17 8.60 -19.91 12.70
CA GLU B 17 7.73 -19.99 13.89
C GLU B 17 6.25 -19.86 13.53
N LYS B 18 5.41 -19.97 14.55
CA LYS B 18 3.97 -19.97 14.43
C LYS B 18 3.29 -18.72 14.92
N VAL B 19 2.29 -18.27 14.18
CA VAL B 19 1.53 -17.11 14.57
C VAL B 19 0.07 -17.45 14.68
N THR B 20 -0.59 -16.90 15.69
CA THR B 20 -2.04 -17.01 15.74
C THR B 20 -2.61 -15.59 15.80
N MET B 21 -3.67 -15.36 15.03
CA MET B 21 -4.35 -14.07 15.04
C MET B 21 -5.86 -14.28 15.14
N ASN B 22 -6.52 -13.36 15.81
CA ASN B 22 -7.87 -13.56 16.29
C ASN B 22 -8.83 -12.65 15.57
N CYS B 23 -10.05 -13.16 15.38
CA CYS B 23 -11.14 -12.46 14.70
C CYS B 23 -12.42 -12.72 15.48
N LYS B 24 -13.12 -11.65 15.88
CA LYS B 24 -14.33 -11.76 16.67
C LYS B 24 -15.50 -11.12 15.93
N SER B 25 -16.66 -11.76 16.01
CA SER B 25 -17.88 -11.28 15.44
C SER B 25 -18.88 -10.74 16.48
N SER B 26 -19.66 -9.73 16.09
CA SER B 26 -20.67 -9.13 16.97
C SER B 26 -21.94 -9.98 17.11
N GLN B 27 -22.06 -11.02 16.30
CA GLN B 27 -23.14 -12.00 16.42
C GLN B 27 -22.74 -13.28 15.69
N SER B 28 -23.34 -14.41 16.05
CA SER B 28 -22.85 -15.71 15.61
C SER B 28 -22.94 -15.88 14.09
N LEU B 29 -21.92 -16.53 13.54
CA LEU B 29 -21.79 -16.73 12.11
C LEU B 29 -22.10 -18.17 11.75
N LEU B 30 -22.49 -18.95 12.76
CA LEU B 30 -22.80 -20.36 12.60
C LEU B 30 -24.18 -20.54 11.99
N ASN B 31 -24.22 -21.00 10.75
CA ASN B 31 -25.47 -21.28 10.04
C ASN B 31 -25.97 -22.64 10.48
N SER B 32 -27.08 -22.68 11.21
CA SER B 32 -27.60 -23.97 11.75
C SER B 32 -28.07 -24.95 10.66
N ARG B 33 -28.56 -24.43 9.54
CA ARG B 33 -29.04 -25.27 8.42
C ARG B 33 -27.90 -26.03 7.73
N THR B 34 -26.83 -25.32 7.37
CA THR B 34 -25.67 -25.93 6.72
C THR B 34 -24.64 -26.44 7.72
N ARG B 35 -24.73 -26.00 8.98
CA ARG B 35 -23.80 -26.45 10.02
C ARG B 35 -22.37 -25.94 9.80
N LYS B 36 -22.26 -24.72 9.29
CA LYS B 36 -20.98 -24.12 8.93
C LYS B 36 -20.97 -22.69 9.42
N ASN B 37 -19.79 -22.22 9.81
CA ASN B 37 -19.57 -20.86 10.22
C ASN B 37 -19.21 -20.12 8.92
N TYR B 38 -19.89 -19.03 8.64
CA TYR B 38 -19.68 -18.30 7.38
C TYR B 38 -18.65 -17.20 7.65
N LEU B 39 -17.42 -17.64 7.84
CA LEU B 39 -16.28 -16.78 8.15
C LEU B 39 -15.13 -17.23 7.25
N ALA B 40 -14.50 -16.28 6.58
CA ALA B 40 -13.42 -16.56 5.63
C ALA B 40 -12.20 -15.78 6.02
N TRP B 41 -11.03 -16.25 5.59
CA TRP B 41 -9.74 -15.55 5.83
C TRP B 41 -9.09 -15.19 4.49
N TYR B 42 -8.60 -13.95 4.39
CA TYR B 42 -7.92 -13.48 3.20
C TYR B 42 -6.52 -12.97 3.54
N GLN B 43 -5.60 -13.10 2.58
CA GLN B 43 -4.27 -12.53 2.69
C GLN B 43 -4.12 -11.38 1.72
N GLN B 44 -3.57 -10.26 2.19
CA GLN B 44 -3.23 -9.18 1.26
C GLN B 44 -1.81 -8.69 1.43
N LYS B 45 -0.95 -9.05 0.47
CA LYS B 45 0.45 -8.62 0.47
C LYS B 45 0.47 -7.17 0.01
N PRO B 46 1.52 -6.43 0.44
CA PRO B 46 1.56 -5.00 0.18
C PRO B 46 1.46 -4.67 -1.32
N GLY B 47 0.57 -3.75 -1.65
CA GLY B 47 0.28 -3.38 -3.02
C GLY B 47 -0.25 -4.49 -3.91
N GLN B 48 -0.86 -5.52 -3.32
CA GLN B 48 -1.42 -6.57 -4.14
C GLN B 48 -2.91 -6.77 -3.84
N SER B 49 -3.56 -7.58 -4.67
CA SER B 49 -4.97 -7.89 -4.45
C SER B 49 -5.10 -8.98 -3.40
N PRO B 50 -6.21 -8.95 -2.65
CA PRO B 50 -6.41 -9.98 -1.61
C PRO B 50 -6.53 -11.37 -2.18
N LYS B 51 -6.15 -12.36 -1.39
CA LYS B 51 -6.31 -13.76 -1.77
C LYS B 51 -7.00 -14.60 -0.66
N LEU B 52 -7.92 -15.46 -1.10
CA LEU B 52 -8.65 -16.34 -0.21
C LEU B 52 -7.77 -17.44 0.33
N LEU B 53 -7.77 -17.57 1.64
CA LEU B 53 -7.05 -18.65 2.32
C LEU B 53 -7.94 -19.75 2.85
N ILE B 54 -8.93 -19.35 3.63
CA ILE B 54 -9.77 -20.23 4.40
C ILE B 54 -11.22 -19.80 4.17
N TYR B 55 -12.13 -20.76 4.07
CA TYR B 55 -13.56 -20.42 4.18
C TYR B 55 -14.29 -21.42 5.06
N TRP B 56 -15.52 -21.08 5.42
CA TRP B 56 -16.35 -21.86 6.33
C TRP B 56 -15.51 -22.13 7.59
N ALA B 57 -14.80 -21.11 8.05
CA ALA B 57 -13.90 -21.11 9.21
C ALA B 57 -12.60 -21.94 9.16
N SER B 58 -12.65 -23.16 8.62
CA SER B 58 -11.54 -24.06 8.62
C SER B 58 -11.25 -24.83 7.34
N THR B 59 -11.88 -24.42 6.25
CA THR B 59 -11.62 -25.09 5.00
C THR B 59 -10.64 -24.32 4.16
N ARG B 60 -9.49 -24.90 3.91
CA ARG B 60 -8.51 -24.17 3.11
C ARG B 60 -8.89 -24.19 1.64
N GLU B 61 -8.85 -23.01 1.05
CA GLU B 61 -9.03 -22.87 -0.39
C GLU B 61 -8.06 -23.79 -1.11
N SER B 62 -8.45 -24.33 -2.27
CA SER B 62 -7.55 -25.17 -3.06
C SER B 62 -6.27 -24.42 -3.37
N GLY B 63 -5.14 -25.05 -3.08
CA GLY B 63 -3.84 -24.52 -3.43
C GLY B 63 -3.21 -23.81 -2.26
N VAL B 64 -3.93 -23.69 -1.16
CA VAL B 64 -3.40 -23.11 0.06
C VAL B 64 -2.72 -24.23 0.84
N PRO B 65 -1.46 -24.04 1.27
CA PRO B 65 -0.78 -25.11 1.98
C PRO B 65 -1.28 -25.38 3.39
N ASP B 66 -0.96 -26.57 3.88
CA ASP B 66 -1.33 -27.04 5.22
C ASP B 66 -0.88 -26.13 6.36
N ARG B 67 0.18 -25.35 6.13
CA ARG B 67 0.70 -24.51 7.18
C ARG B 67 -0.27 -23.36 7.59
N PHE B 68 -1.31 -23.10 6.81
CA PHE B 68 -2.41 -22.21 7.24
C PHE B 68 -3.59 -23.03 7.83
N THR B 69 -4.04 -22.66 9.02
CA THR B 69 -5.14 -23.34 9.71
C THR B 69 -6.13 -22.30 10.25
N GLY B 70 -7.39 -22.39 9.84
CA GLY B 70 -8.47 -21.61 10.43
C GLY B 70 -9.28 -22.43 11.45
N SER B 71 -9.68 -21.79 12.54
CA SER B 71 -10.46 -22.47 13.57
C SER B 71 -11.45 -21.53 14.18
N GLY B 72 -12.33 -22.10 15.02
CA GLY B 72 -13.26 -21.32 15.81
C GLY B 72 -14.71 -21.57 15.51
N SER B 73 -15.58 -20.92 16.29
CA SER B 73 -17.03 -21.05 16.13
C SER B 73 -17.81 -19.91 16.76
N GLY B 74 -19.05 -19.76 16.30
CA GLY B 74 -19.94 -18.72 16.77
C GLY B 74 -19.44 -17.34 16.44
N THR B 75 -18.77 -16.75 17.42
CA THR B 75 -18.23 -15.40 17.30
C THR B 75 -16.71 -15.38 17.46
N ASP B 76 -16.09 -16.53 17.67
CA ASP B 76 -14.68 -16.58 18.08
C ASP B 76 -13.86 -17.39 17.10
N PHE B 77 -13.04 -16.71 16.30
CA PHE B 77 -12.24 -17.39 15.28
C PHE B 77 -10.75 -17.03 15.33
N ALA B 78 -9.95 -17.85 14.68
CA ALA B 78 -8.52 -17.62 14.63
C ALA B 78 -7.93 -18.23 13.36
N LEU B 79 -6.86 -17.61 12.90
CA LEU B 79 -6.06 -18.11 11.80
C LEU B 79 -4.69 -18.35 12.40
N THR B 80 -4.11 -19.54 12.18
CA THR B 80 -2.73 -19.83 12.58
C THR B 80 -1.89 -20.13 11.34
N ILE B 81 -0.67 -19.58 11.31
CA ILE B 81 0.29 -19.86 10.26
C ILE B 81 1.50 -20.46 10.94
N SER B 82 1.95 -21.61 10.44
CA SER B 82 3.17 -22.28 10.91
C SER B 82 4.29 -22.16 9.85
N SER B 83 5.54 -22.32 10.27
CA SER B 83 6.66 -22.15 9.38
C SER B 83 6.52 -20.85 8.62
N VAL B 84 6.35 -19.75 9.36
CA VAL B 84 6.13 -18.47 8.74
C VAL B 84 7.36 -18.15 7.94
N GLN B 85 7.18 -17.74 6.69
CA GLN B 85 8.29 -17.40 5.82
C GLN B 85 8.06 -15.97 5.28
N ALA B 86 9.06 -15.45 4.59
CA ALA B 86 9.01 -14.11 4.03
C ALA B 86 7.81 -13.96 3.12
N GLU B 87 7.34 -15.04 2.51
CA GLU B 87 6.15 -14.90 1.66
C GLU B 87 4.87 -14.49 2.43
N ASP B 88 4.81 -14.82 3.72
CA ASP B 88 3.70 -14.44 4.59
C ASP B 88 3.57 -12.97 5.01
N LEU B 89 4.54 -12.13 4.68
CA LEU B 89 4.42 -10.71 4.94
C LEU B 89 3.14 -10.20 4.29
N ALA B 90 2.18 -9.79 5.10
CA ALA B 90 0.90 -9.31 4.60
C ALA B 90 0.01 -8.83 5.72
N VAL B 91 -1.13 -8.27 5.32
CA VAL B 91 -2.27 -8.07 6.19
C VAL B 91 -3.27 -9.19 5.92
N TYR B 92 -3.82 -9.73 7.00
CA TYR B 92 -4.77 -10.84 6.98
C TYR B 92 -6.06 -10.31 7.48
N TYR B 93 -7.12 -10.57 6.70
CA TYR B 93 -8.46 -10.06 6.98
C TYR B 93 -9.38 -11.25 7.18
N CYS B 94 -10.23 -11.19 8.22
CA CYS B 94 -11.36 -12.10 8.30
C CYS B 94 -12.60 -11.42 7.68
N LYS B 95 -13.52 -12.22 7.19
CA LYS B 95 -14.73 -11.71 6.56
C LYS B 95 -15.91 -12.63 6.83
N GLN B 96 -16.97 -12.07 7.41
CA GLN B 96 -18.21 -12.80 7.62
C GLN B 96 -19.10 -12.69 6.39
N SER B 97 -19.80 -13.78 6.07
CA SER B 97 -20.78 -13.80 4.98
C SER B 97 -22.08 -14.43 5.49
N TYR B 98 -22.32 -14.32 6.80
CA TYR B 98 -23.54 -14.85 7.42
C TYR B 98 -24.73 -13.95 7.08
N ASN B 99 -24.55 -12.63 7.10
CA ASN B 99 -25.61 -11.72 6.71
C ASN B 99 -24.89 -10.65 5.96
N LEU B 100 -25.07 -10.64 4.64
CA LEU B 100 -24.34 -9.80 3.70
C LEU B 100 -22.86 -10.17 3.88
N ARG B 101 -21.97 -9.20 3.93
CA ARG B 101 -20.55 -9.45 4.18
C ARG B 101 -19.90 -8.27 4.92
N THR B 102 -18.98 -8.57 5.83
CA THR B 102 -18.17 -7.57 6.53
C THR B 102 -16.77 -8.06 6.74
N PHE B 103 -15.80 -7.19 6.51
CA PHE B 103 -14.39 -7.50 6.78
C PHE B 103 -13.98 -6.98 8.16
N GLY B 104 -13.14 -7.74 8.88
CA GLY B 104 -12.42 -7.19 10.04
C GLY B 104 -11.40 -6.14 9.63
N GLY B 105 -10.81 -5.45 10.61
CA GLY B 105 -9.92 -4.34 10.30
C GLY B 105 -8.51 -4.77 9.93
N GLY B 106 -8.24 -6.07 9.95
CA GLY B 106 -6.96 -6.57 9.45
C GLY B 106 -5.96 -6.78 10.58
N THR B 107 -5.15 -7.82 10.45
CA THR B 107 -3.99 -7.99 11.33
C THR B 107 -2.77 -8.04 10.44
N LYS B 108 -1.80 -7.20 10.72
CA LYS B 108 -0.58 -7.09 9.89
C LYS B 108 0.47 -8.02 10.43
N LEU B 109 0.93 -8.95 9.59
CA LEU B 109 1.97 -9.86 9.99
C LEU B 109 3.34 -9.26 9.60
N GLU B 110 4.22 -9.18 10.58
CA GLU B 110 5.60 -8.77 10.35
C GLU B 110 6.56 -9.94 10.62
N ILE B 111 7.70 -9.97 9.92
CA ILE B 111 8.71 -10.98 10.19
C ILE B 111 9.75 -10.42 11.18
N LYS B 112 9.80 -11.02 12.36
CA LYS B 112 10.80 -10.65 13.35
C LYS B 112 12.16 -11.22 12.96
N ARG B 113 13.18 -10.35 12.97
CA ARG B 113 14.55 -10.73 12.64
C ARG B 113 15.47 -10.04 13.64
N ALA B 114 16.77 -10.24 13.45
CA ALA B 114 17.77 -9.61 14.29
C ALA B 114 17.73 -8.09 14.12
N ASP B 115 18.02 -7.40 15.22
CA ASP B 115 18.16 -5.94 15.20
C ASP B 115 19.28 -5.52 14.23
N ALA B 116 19.10 -4.39 13.54
CA ALA B 116 20.03 -3.98 12.50
C ALA B 116 20.11 -2.48 12.38
N ALA B 117 21.35 -1.96 12.35
CA ALA B 117 21.56 -0.54 12.31
C ALA B 117 21.33 -0.01 10.90
N PRO B 118 20.73 1.19 10.81
CA PRO B 118 20.46 1.78 9.52
C PRO B 118 21.71 2.31 8.80
N THR B 119 21.65 2.29 7.48
CA THR B 119 22.62 2.96 6.64
C THR B 119 22.04 4.34 6.31
N VAL B 120 22.74 5.39 6.76
CA VAL B 120 22.22 6.75 6.66
C VAL B 120 22.96 7.51 5.58
N SER B 121 22.22 8.14 4.67
CA SER B 121 22.78 8.92 3.56
C SER B 121 22.08 10.25 3.48
N ILE B 122 22.85 11.32 3.36
CA ILE B 122 22.28 12.68 3.25
C ILE B 122 22.53 13.27 1.88
N PHE B 123 21.51 13.94 1.34
CA PHE B 123 21.61 14.53 0.02
C PHE B 123 21.23 16.00 0.06
N PRO B 124 22.12 16.86 -0.47
CA PRO B 124 21.79 18.28 -0.56
C PRO B 124 20.77 18.50 -1.67
N PRO B 125 20.12 19.67 -1.69
CA PRO B 125 19.33 20.01 -2.88
C PRO B 125 20.14 19.91 -4.15
N SER B 126 19.59 19.25 -5.17
CA SER B 126 20.16 19.25 -6.52
C SER B 126 20.38 20.68 -7.04
N SER B 127 21.39 20.85 -7.88
CA SER B 127 21.57 22.16 -8.52
C SER B 127 20.31 22.52 -9.33
N GLU B 128 19.70 21.54 -10.01
CA GLU B 128 18.46 21.84 -10.74
C GLU B 128 17.37 22.27 -9.81
N GLN B 129 17.18 21.63 -8.66
CA GLN B 129 16.15 22.16 -7.75
C GLN B 129 16.55 23.53 -7.25
N LEU B 130 17.85 23.76 -7.11
CA LEU B 130 18.35 25.07 -6.65
C LEU B 130 18.22 26.16 -7.70
N THR B 131 17.89 25.79 -8.93
CA THR B 131 17.46 26.79 -9.90
C THR B 131 15.95 27.07 -9.73
N SER B 132 15.30 26.35 -8.83
CA SER B 132 13.86 26.51 -8.55
C SER B 132 13.66 27.44 -7.37
N GLY B 133 12.40 27.56 -6.94
CA GLY B 133 12.07 28.36 -5.78
C GLY B 133 12.31 27.70 -4.43
N GLY B 134 12.47 26.38 -4.39
CA GLY B 134 12.56 25.66 -3.13
C GLY B 134 13.81 24.80 -3.03
N ALA B 135 14.00 24.19 -1.87
CA ALA B 135 15.16 23.35 -1.63
C ALA B 135 14.85 22.23 -0.63
N SER B 136 15.04 20.99 -1.08
CA SER B 136 14.76 19.82 -0.30
C SER B 136 16.07 19.13 0.06
N VAL B 137 16.24 18.86 1.34
CA VAL B 137 17.35 18.10 1.85
C VAL B 137 16.81 16.74 2.23
N VAL B 138 17.46 15.70 1.76
CA VAL B 138 16.94 14.34 1.89
C VAL B 138 17.92 13.47 2.67
N CYS B 139 17.39 12.67 3.58
CA CYS B 139 18.18 11.72 4.31
C CYS B 139 17.48 10.37 4.23
N PHE B 140 18.21 9.34 3.80
CA PHE B 140 17.70 8.00 3.77
C PHE B 140 18.31 7.22 4.94
N LEU B 141 17.45 6.50 5.65
CA LEU B 141 17.85 5.62 6.75
C LEU B 141 17.42 4.22 6.34
N ASN B 142 18.32 3.46 5.74
CA ASN B 142 17.97 2.25 5.02
C ASN B 142 18.40 0.93 5.68
N ASN B 143 17.56 -0.08 5.45
CA ASN B 143 17.73 -1.46 5.91
C ASN B 143 18.03 -1.58 7.39
N PHE B 144 17.09 -1.15 8.22
CA PHE B 144 17.22 -1.30 9.66
C PHE B 144 16.12 -2.18 10.28
N TYR B 145 16.37 -2.64 11.50
CA TYR B 145 15.38 -3.44 12.28
C TYR B 145 15.64 -3.25 13.78
N PRO B 146 14.63 -3.01 14.61
CA PRO B 146 13.19 -2.94 14.28
C PRO B 146 12.77 -1.66 13.61
N LYS B 147 11.48 -1.56 13.32
CA LYS B 147 10.93 -0.53 12.43
C LYS B 147 10.92 0.90 12.97
N ASP B 148 10.89 1.09 14.28
CA ASP B 148 10.76 2.44 14.81
C ASP B 148 12.12 3.10 14.96
N ILE B 149 12.17 4.35 14.52
CA ILE B 149 13.43 5.09 14.49
C ILE B 149 13.12 6.56 14.68
N ASN B 150 14.07 7.28 15.29
CA ASN B 150 13.96 8.73 15.43
C ASN B 150 14.98 9.45 14.54
N VAL B 151 14.52 10.46 13.81
CA VAL B 151 15.37 11.29 12.98
C VAL B 151 15.22 12.71 13.46
N LYS B 152 16.35 13.39 13.64
CA LYS B 152 16.34 14.81 13.92
C LYS B 152 17.20 15.54 12.91
N TRP B 153 16.69 16.68 12.46
CA TRP B 153 17.42 17.59 11.62
C TRP B 153 18.01 18.75 12.43
N LYS B 154 19.23 19.13 12.09
CA LYS B 154 19.85 20.32 12.67
C LYS B 154 20.34 21.25 11.55
N ILE B 155 19.96 22.51 11.60
CA ILE B 155 20.44 23.53 10.66
C ILE B 155 21.26 24.52 11.46
N ASP B 156 22.52 24.68 11.06
CA ASP B 156 23.42 25.60 11.76
C ASP B 156 23.45 25.30 13.26
N GLY B 157 23.36 24.02 13.60
CA GLY B 157 23.49 23.54 14.98
C GLY B 157 22.23 23.53 15.81
N SER B 158 21.11 24.05 15.27
CA SER B 158 19.83 24.09 15.98
C SER B 158 18.89 23.05 15.38
N GLU B 159 18.15 22.33 16.21
CA GLU B 159 17.08 21.45 15.73
C GLU B 159 16.07 22.20 14.85
N ARG B 160 15.66 21.58 13.74
CA ARG B 160 14.60 22.13 12.90
C ARG B 160 13.54 21.04 12.67
N GLN B 161 12.33 21.30 13.13
CA GLN B 161 11.25 20.33 12.95
C GLN B 161 10.26 20.78 11.87
N ASN B 162 10.16 22.08 11.62
CA ASN B 162 9.32 22.60 10.54
C ASN B 162 9.76 22.18 9.16
N GLY B 163 8.81 21.66 8.38
CA GLY B 163 9.06 21.28 7.01
C GLY B 163 9.83 19.98 6.87
N VAL B 164 9.83 19.16 7.94
CA VAL B 164 10.35 17.80 7.89
C VAL B 164 9.18 16.86 7.63
N LEU B 165 9.27 16.07 6.57
CA LEU B 165 8.32 14.99 6.35
C LEU B 165 9.04 13.64 6.25
N ASN B 166 8.47 12.65 6.91
CA ASN B 166 9.07 11.32 7.02
C ASN B 166 8.17 10.26 6.39
N SER B 167 8.78 9.26 5.75
CA SER B 167 8.06 8.14 5.14
C SER B 167 8.78 6.80 5.30
N TRP B 168 8.01 5.75 5.63
CA TRP B 168 8.53 4.41 5.84
C TRP B 168 8.11 3.45 4.75
N THR B 169 9.02 2.58 4.34
CA THR B 169 8.66 1.46 3.48
C THR B 169 8.01 0.37 4.31
N ASP B 170 7.32 -0.54 3.62
CA ASP B 170 6.89 -1.80 4.18
C ASP B 170 8.14 -2.64 4.39
N GLN B 171 8.03 -3.62 5.28
CA GLN B 171 9.15 -4.49 5.58
C GLN B 171 9.71 -5.07 4.28
N ASP B 172 11.02 -5.17 4.17
CA ASP B 172 11.62 -5.57 2.91
C ASP B 172 11.56 -7.08 2.75
N SER B 173 11.17 -7.53 1.56
CA SER B 173 10.96 -8.95 1.30
C SER B 173 12.27 -9.72 1.31
N LYS B 174 13.32 -9.05 0.82
CA LYS B 174 14.61 -9.69 0.63
C LYS B 174 15.36 -9.89 1.92
N ASP B 175 15.22 -8.95 2.86
CA ASP B 175 15.96 -9.05 4.12
C ASP B 175 15.19 -8.72 5.40
N SER B 176 13.87 -8.48 5.30
CA SER B 176 13.03 -8.23 6.48
C SER B 176 13.36 -6.92 7.22
N THR B 177 14.05 -6.00 6.54
CA THR B 177 14.39 -4.72 7.16
C THR B 177 13.39 -3.68 6.73
N TYR B 178 13.44 -2.53 7.39
CA TYR B 178 12.67 -1.37 7.01
C TYR B 178 13.60 -0.27 6.56
N SER B 179 13.06 0.67 5.81
CA SER B 179 13.78 1.85 5.43
C SER B 179 12.86 3.02 5.62
N MET B 180 13.44 4.19 5.82
CA MET B 180 12.70 5.41 5.96
C MET B 180 13.43 6.51 5.23
N SER B 181 12.66 7.46 4.68
CA SER B 181 13.17 8.69 4.12
C SER B 181 12.77 9.84 5.02
N SER B 182 13.63 10.85 5.11
CA SER B 182 13.26 12.08 5.78
C SER B 182 13.62 13.23 4.88
N THR B 183 12.66 14.11 4.63
CA THR B 183 12.82 15.18 3.67
C THR B 183 12.54 16.51 4.35
N LEU B 184 13.52 17.38 4.29
CA LEU B 184 13.44 18.72 4.86
C LEU B 184 13.35 19.70 3.70
N THR B 185 12.22 20.37 3.58
CA THR B 185 11.98 21.31 2.48
C THR B 185 11.93 22.74 2.96
N LEU B 186 12.80 23.55 2.38
CA LEU B 186 12.85 24.99 2.63
C LEU B 186 12.67 25.76 1.34
N THR B 187 12.45 27.07 1.45
CA THR B 187 12.60 27.96 0.28
C THR B 187 14.08 27.96 -0.09
N LYS B 188 14.39 28.26 -1.35
CA LYS B 188 15.79 28.36 -1.77
C LYS B 188 16.53 29.41 -0.95
N ASP B 189 15.88 30.54 -0.71
CA ASP B 189 16.53 31.67 -0.02
C ASP B 189 16.90 31.26 1.41
N GLU B 190 15.96 30.63 2.10
CA GLU B 190 16.20 30.12 3.45
C GLU B 190 17.27 29.02 3.43
N TYR B 191 17.27 28.17 2.40
CA TYR B 191 18.33 27.20 2.27
C TYR B 191 19.68 27.92 2.22
N GLU B 192 19.76 28.97 1.42
CA GLU B 192 21.01 29.69 1.23
C GLU B 192 21.38 30.67 2.34
N ARG B 193 20.57 30.78 3.37
CA ARG B 193 20.89 31.62 4.50
C ARG B 193 21.53 30.78 5.60
N HIS B 194 21.72 29.50 5.35
CA HIS B 194 22.29 28.63 6.37
C HIS B 194 23.36 27.79 5.74
N ASN B 195 24.20 27.20 6.55
CA ASN B 195 25.27 26.42 6.00
C ASN B 195 25.34 24.96 6.39
N SER B 196 25.18 24.68 7.66
CA SER B 196 25.39 23.34 8.16
C SER B 196 24.06 22.58 8.21
N TYR B 197 23.98 21.45 7.52
CA TYR B 197 22.78 20.62 7.53
C TYR B 197 23.12 19.22 7.96
N THR B 198 22.48 18.77 9.04
CA THR B 198 22.75 17.50 9.68
C THR B 198 21.48 16.66 9.82
N CYS B 199 21.64 15.38 9.51
CA CYS B 199 20.61 14.38 9.66
C CYS B 199 21.08 13.40 10.74
N GLU B 200 20.33 13.31 11.84
CA GLU B 200 20.70 12.46 12.98
C GLU B 200 19.69 11.33 13.23
N ALA B 201 20.12 10.08 13.07
CA ALA B 201 19.25 8.92 13.26
C ALA B 201 19.54 8.22 14.58
N THR B 202 18.56 8.20 15.48
CA THR B 202 18.65 7.47 16.75
C THR B 202 17.81 6.22 16.66
N HIS B 203 18.48 5.08 16.81
CA HIS B 203 17.87 3.77 16.65
C HIS B 203 18.27 2.91 17.83
N LYS B 204 17.36 2.04 18.24
CA LYS B 204 17.59 1.22 19.42
C LYS B 204 18.85 0.35 19.33
N THR B 205 19.50 0.30 18.18
CA THR B 205 20.71 -0.48 18.03
C THR B 205 21.88 0.16 18.78
N SER B 206 22.05 1.48 18.68
CA SER B 206 23.12 2.17 19.40
C SER B 206 22.57 3.31 20.26
N THR B 207 23.32 3.65 21.30
CA THR B 207 22.98 4.77 22.18
C THR B 207 23.33 6.09 21.50
N SER B 208 24.28 6.02 20.58
CA SER B 208 24.74 7.17 19.84
C SER B 208 24.05 7.24 18.46
N PRO B 209 23.56 8.44 18.09
CA PRO B 209 22.95 8.56 16.78
C PRO B 209 23.97 8.45 15.67
N ILE B 210 23.54 7.95 14.53
CA ILE B 210 24.33 8.04 13.34
C ILE B 210 24.07 9.42 12.74
N VAL B 211 25.14 10.09 12.36
CA VAL B 211 25.13 11.48 11.96
C VAL B 211 25.72 11.62 10.57
N LYS B 212 24.97 12.21 9.62
CA LYS B 212 25.53 12.62 8.34
C LYS B 212 25.25 14.09 8.19
N SER B 213 26.23 14.84 7.74
CA SER B 213 26.04 16.25 7.53
C SER B 213 26.75 16.72 6.28
N PHE B 214 26.50 17.98 5.94
CA PHE B 214 27.20 18.63 4.85
C PHE B 214 27.12 20.12 5.10
N ASN B 215 28.04 20.84 4.48
CA ASN B 215 28.03 22.28 4.54
C ASN B 215 27.75 22.77 3.14
N ARG B 216 26.70 23.55 3.02
CA ARG B 216 26.25 24.13 1.76
C ARG B 216 27.38 24.76 0.95
N ASN B 217 28.23 25.54 1.59
CA ASN B 217 29.39 26.11 0.95
C ASN B 217 30.24 25.06 0.18
N GLU B 218 30.48 23.88 0.74
CA GLU B 218 31.27 22.85 0.13
C GLU B 218 30.56 22.02 -0.91
N CYS B 219 29.24 22.21 -0.97
CA CYS B 219 28.18 21.58 -1.79
C CYS B 219 27.42 20.37 -1.12
#